data_4YJE
#
_entry.id   4YJE
#
_cell.length_a   53.205
_cell.length_b   68.204
_cell.length_c   93.377
_cell.angle_alpha   90.00
_cell.angle_beta   90.00
_cell.angle_gamma   90.00
#
_symmetry.space_group_name_H-M   'P 21 21 21'
#
loop_
_entity.id
_entity.type
_entity.pdbx_description
1 polymer 'Adenomatous polyposis coli protein'
2 polymer 'APC membrane recruitment protein 1'
3 water water
#
loop_
_entity_poly.entity_id
_entity_poly.type
_entity_poly.pdbx_seq_one_letter_code
_entity_poly.pdbx_strand_id
1 'polypeptide(L)'
;MGHHHHHHMLHLLEQIRAYCETCWEWQEAHEPGMDQDKNPMPAPVEHQICPAVCVLMKLSFDEEHRHAMNELGGLQAIAE
LLQVDCEMYGLTNDHYSITLRRYAGMALTNLTFGDVANKATLCSMKGCMRALVAQLKSESEDLQQVIASVLRNLSWRADV
NSKKTLREVGSVKALMECALEVKKESTLKSVLSALWNLSAHCTENKADICAVDGALAFLVGTLTYRSQTNTLAIIESGGG
ILRNVSSLIATNEDHRQILRENNCLQTLLQHLKSHSLTIVSNACGTLWNLSARNPKDQEALWDMGAVSMLKNLIHSKHKM
IAMGSAAALRNLMANRPAKYKDANIMSPGSSLPS
;
A
2 'polypeptide(L)' LTGCGDIIAEQ B
#
# COMPACT_ATOMS: atom_id res chain seq x y z
N HIS A 6 -13.17 -24.69 -20.40
CA HIS A 6 -11.95 -24.09 -19.78
C HIS A 6 -10.98 -25.18 -19.33
N HIS A 7 -10.89 -26.23 -20.14
CA HIS A 7 -10.12 -27.42 -19.79
C HIS A 7 -8.63 -27.15 -19.55
N HIS A 8 -8.05 -26.28 -20.36
CA HIS A 8 -6.63 -25.91 -20.21
C HIS A 8 -6.35 -25.22 -18.86
N MET A 9 -7.25 -24.31 -18.48
CA MET A 9 -7.13 -23.58 -17.23
C MET A 9 -7.29 -24.52 -16.05
N LEU A 10 -8.30 -25.39 -16.16
CA LEU A 10 -8.54 -26.45 -15.20
C LEU A 10 -7.32 -27.35 -15.03
N HIS A 11 -6.66 -27.67 -16.14
CA HIS A 11 -5.47 -28.51 -16.11
C HIS A 11 -4.31 -27.84 -15.35
N LEU A 12 -4.11 -26.55 -15.58
CA LEU A 12 -3.07 -25.79 -14.89
C LEU A 12 -3.35 -25.69 -13.40
N LEU A 13 -4.62 -25.49 -13.04
CA LEU A 13 -5.01 -25.39 -11.64
C LEU A 13 -4.82 -26.73 -10.92
N GLU A 14 -5.15 -27.81 -11.61
CA GLU A 14 -4.92 -29.16 -11.08
C GLU A 14 -3.42 -29.42 -10.87
N GLN A 15 -2.60 -28.95 -11.81
CA GLN A 15 -1.14 -29.08 -11.70
C GLN A 15 -0.64 -28.38 -10.44
N ILE A 16 -1.13 -27.17 -10.22
CA ILE A 16 -0.73 -26.38 -9.05
C ILE A 16 -1.19 -27.04 -7.75
N ARG A 17 -2.44 -27.51 -7.73
CA ARG A 17 -2.99 -28.15 -6.54
C ARG A 17 -2.27 -29.44 -6.18
N ALA A 18 -1.94 -30.23 -7.22
CA ALA A 18 -1.16 -31.46 -7.05
C ALA A 18 0.20 -31.17 -6.42
N TYR A 19 0.85 -30.11 -6.90
CA TYR A 19 2.15 -29.71 -6.38
C TYR A 19 2.05 -29.29 -4.91
N CYS A 20 1.07 -28.44 -4.59
CA CYS A 20 0.81 -28.05 -3.21
C CYS A 20 0.61 -29.25 -2.27
N GLU A 21 -0.17 -30.23 -2.71
CA GLU A 21 -0.39 -31.43 -1.90
C GLU A 21 0.91 -32.19 -1.63
N THR A 22 1.77 -32.27 -2.63
CA THR A 22 3.07 -32.92 -2.49
C THR A 22 3.92 -32.17 -1.46
N CYS A 23 3.83 -30.84 -1.48
CA CYS A 23 4.54 -29.98 -0.54
C CYS A 23 4.01 -30.09 0.88
N TRP A 24 2.68 -30.07 1.01
CA TRP A 24 2.04 -30.21 2.32
C TRP A 24 2.37 -31.55 2.95
N GLU A 25 2.41 -32.60 2.12
CA GLU A 25 2.77 -33.95 2.57
C GLU A 25 4.22 -33.99 3.06
N TRP A 26 5.12 -33.34 2.32
CA TRP A 26 6.52 -33.24 2.74
C TRP A 26 6.64 -32.47 4.06
N GLN A 27 5.98 -31.31 4.14
CA GLN A 27 5.97 -30.48 5.34
C GLN A 27 5.54 -31.27 6.57
N GLU A 28 4.48 -32.07 6.40
CA GLU A 28 3.94 -32.87 7.49
C GLU A 28 4.93 -33.93 7.97
N ALA A 29 5.72 -34.47 7.04
CA ALA A 29 6.69 -35.54 7.35
C ALA A 29 8.05 -35.01 7.79
N HIS A 30 8.22 -33.70 7.74
CA HIS A 30 9.50 -33.06 8.00
C HIS A 30 9.34 -31.83 8.89
N GLU A 31 8.74 -32.06 10.05
CA GLU A 31 8.45 -31.02 11.02
C GLU A 31 9.71 -30.59 11.75
N PRO A 32 9.85 -29.27 12.01
CA PRO A 32 11.00 -28.70 12.74
C PRO A 32 11.35 -29.48 14.02
N GLY A 33 12.62 -29.88 14.13
CA GLY A 33 13.15 -30.51 15.34
C GLY A 33 12.74 -31.96 15.58
N MET A 34 11.93 -32.51 14.68
CA MET A 34 11.35 -33.83 14.85
C MET A 34 12.05 -34.88 13.98
N ASP A 35 11.79 -36.16 14.25
CA ASP A 35 12.40 -37.26 13.49
C ASP A 35 11.98 -37.21 12.02
N GLN A 36 12.97 -37.29 11.14
CA GLN A 36 12.75 -37.14 9.70
C GLN A 36 13.70 -38.02 8.91
N ASP A 37 13.25 -38.47 7.74
CA ASP A 37 14.18 -39.06 6.77
C ASP A 37 14.85 -37.93 5.97
N LYS A 38 15.71 -38.29 5.02
CA LYS A 38 16.54 -37.32 4.33
C LYS A 38 16.03 -36.97 2.93
N ASN A 39 14.83 -37.44 2.61
CA ASN A 39 14.18 -37.11 1.34
C ASN A 39 14.02 -35.59 1.19
N PRO A 40 14.57 -35.04 0.09
CA PRO A 40 14.61 -33.59 -0.07
C PRO A 40 13.24 -32.97 -0.35
N MET A 41 13.13 -31.69 -0.02
CA MET A 41 11.98 -30.86 -0.29
C MET A 41 11.62 -30.93 -1.77
N PRO A 42 10.32 -30.96 -2.11
CA PRO A 42 9.92 -30.78 -3.50
C PRO A 42 10.41 -29.44 -4.03
N ALA A 43 10.88 -29.43 -5.27
CA ALA A 43 11.30 -28.19 -5.94
C ALA A 43 10.30 -27.88 -7.05
N PRO A 44 9.83 -26.62 -7.12
CA PRO A 44 8.80 -26.29 -8.12
C PRO A 44 9.25 -26.50 -9.57
N VAL A 45 10.56 -26.39 -9.81
CA VAL A 45 11.10 -26.61 -11.17
C VAL A 45 10.85 -28.04 -11.67
N GLU A 46 10.85 -28.99 -10.73
CA GLU A 46 10.64 -30.40 -11.07
C GLU A 46 9.21 -30.68 -11.55
N HIS A 47 8.32 -29.72 -11.32
CA HIS A 47 6.91 -29.90 -11.63
C HIS A 47 6.38 -28.83 -12.59
N GLN A 48 7.31 -28.09 -13.20
CA GLN A 48 6.99 -27.08 -14.25
C GLN A 48 5.99 -26.03 -13.74
N ILE A 49 6.20 -25.63 -12.49
CA ILE A 49 5.27 -24.73 -11.81
C ILE A 49 5.31 -23.31 -12.37
N CYS A 50 6.51 -22.79 -12.64
CA CYS A 50 6.63 -21.41 -13.11
C CYS A 50 5.86 -21.17 -14.43
N PRO A 51 6.02 -22.05 -15.44
CA PRO A 51 5.21 -21.88 -16.65
C PRO A 51 3.71 -21.95 -16.39
N ALA A 52 3.27 -22.86 -15.53
CA ALA A 52 1.85 -22.97 -15.19
C ALA A 52 1.32 -21.64 -14.62
N VAL A 53 2.03 -21.08 -13.63
CA VAL A 53 1.62 -19.82 -13.01
C VAL A 53 1.75 -18.65 -13.99
N CYS A 54 2.74 -18.72 -14.87
CA CYS A 54 2.92 -17.72 -15.91
C CYS A 54 1.68 -17.62 -16.81
N VAL A 55 1.18 -18.77 -17.28
CA VAL A 55 0.00 -18.79 -18.15
C VAL A 55 -1.23 -18.23 -17.41
N LEU A 56 -1.44 -18.69 -16.17
CA LEU A 56 -2.55 -18.20 -15.35
C LEU A 56 -2.48 -16.70 -15.13
N MET A 57 -1.28 -16.21 -14.84
CA MET A 57 -1.06 -14.77 -14.68
C MET A 57 -1.44 -14.01 -15.96
N LYS A 58 -1.01 -14.53 -17.11
CA LYS A 58 -1.30 -13.87 -18.38
C LYS A 58 -2.80 -13.86 -18.71
N LEU A 59 -3.48 -14.97 -18.38
CA LEU A 59 -4.92 -15.10 -18.61
C LEU A 59 -5.74 -14.17 -17.71
N SER A 60 -5.21 -13.91 -16.51
CA SER A 60 -5.90 -13.13 -15.49
C SER A 60 -6.08 -11.66 -15.87
N PHE A 61 -5.46 -11.23 -16.97
CA PHE A 61 -5.63 -9.86 -17.46
C PHE A 61 -6.96 -9.69 -18.18
N ASP A 62 -7.62 -10.80 -18.49
CA ASP A 62 -8.89 -10.79 -19.23
C ASP A 62 -10.04 -11.12 -18.28
N GLU A 63 -11.04 -10.26 -18.22
CA GLU A 63 -12.16 -10.44 -17.29
C GLU A 63 -12.95 -11.72 -17.56
N GLU A 64 -13.08 -12.14 -18.82
CA GLU A 64 -13.75 -13.42 -19.11
C GLU A 64 -12.99 -14.62 -18.54
N HIS A 65 -11.66 -14.57 -18.61
CA HIS A 65 -10.84 -15.63 -18.03
C HIS A 65 -10.86 -15.61 -16.52
N ARG A 66 -10.88 -14.42 -15.93
CA ARG A 66 -11.02 -14.26 -14.49
C ARG A 66 -12.33 -14.88 -14.00
N HIS A 67 -13.41 -14.68 -14.77
CA HIS A 67 -14.70 -15.29 -14.44
C HIS A 67 -14.53 -16.81 -14.32
N ALA A 68 -13.91 -17.40 -15.33
CA ALA A 68 -13.67 -18.84 -15.37
C ALA A 68 -12.76 -19.29 -14.23
N MET A 69 -11.70 -18.51 -13.99
CA MET A 69 -10.74 -18.80 -12.93
C MET A 69 -11.42 -18.81 -11.56
N ASN A 70 -12.32 -17.85 -11.33
CA ASN A 70 -13.08 -17.78 -10.09
C ASN A 70 -14.04 -18.95 -9.87
N GLU A 71 -14.68 -19.43 -10.94
CA GLU A 71 -15.55 -20.60 -10.84
C GLU A 71 -14.75 -21.84 -10.43
N LEU A 72 -13.47 -21.87 -10.78
CA LEU A 72 -12.58 -22.99 -10.52
C LEU A 72 -11.78 -22.83 -9.22
N GLY A 73 -12.04 -21.75 -8.48
CA GLY A 73 -11.31 -21.46 -7.23
C GLY A 73 -9.86 -21.10 -7.46
N GLY A 74 -9.58 -20.42 -8.58
CA GLY A 74 -8.22 -20.06 -8.98
C GLY A 74 -7.48 -19.22 -7.95
N LEU A 75 -8.16 -18.24 -7.36
CA LEU A 75 -7.56 -17.39 -6.34
C LEU A 75 -6.96 -18.23 -5.19
N GLN A 76 -7.76 -19.14 -4.63
CA GLN A 76 -7.29 -19.98 -3.52
C GLN A 76 -6.10 -20.85 -3.91
N ALA A 77 -6.15 -21.46 -5.10
CA ALA A 77 -5.06 -22.32 -5.57
C ALA A 77 -3.75 -21.55 -5.71
N ILE A 78 -3.84 -20.37 -6.32
CA ILE A 78 -2.66 -19.53 -6.55
C ILE A 78 -2.12 -19.00 -5.21
N ALA A 79 -3.01 -18.59 -4.31
CA ALA A 79 -2.58 -18.12 -2.99
C ALA A 79 -1.90 -19.24 -2.21
N GLU A 80 -2.44 -20.46 -2.29
CA GLU A 80 -1.88 -21.62 -1.58
C GLU A 80 -0.47 -21.92 -2.06
N LEU A 81 -0.26 -21.79 -3.36
CA LEU A 81 1.03 -22.02 -3.99
C LEU A 81 2.05 -21.00 -3.52
N LEU A 82 1.66 -19.73 -3.53
CA LEU A 82 2.55 -18.66 -3.09
C LEU A 82 2.96 -18.89 -1.64
N GLN A 83 1.97 -19.19 -0.79
CA GLN A 83 2.20 -19.42 0.63
C GLN A 83 3.16 -20.59 0.85
N VAL A 84 2.92 -21.70 0.17
CA VAL A 84 3.76 -22.89 0.40
C VAL A 84 5.21 -22.68 -0.06
N ASP A 85 5.41 -22.04 -1.21
CA ASP A 85 6.78 -21.73 -1.67
C ASP A 85 7.52 -20.79 -0.70
N CYS A 86 6.81 -19.77 -0.19
CA CYS A 86 7.38 -18.85 0.80
C CYS A 86 7.74 -19.55 2.11
N GLU A 87 6.91 -20.51 2.53
CA GLU A 87 7.19 -21.21 3.78
C GLU A 87 8.36 -22.16 3.63
N MET A 88 8.39 -22.87 2.50
CA MET A 88 9.41 -23.87 2.24
C MET A 88 10.79 -23.27 2.03
N TYR A 89 10.86 -22.19 1.24
CA TYR A 89 12.16 -21.68 0.80
C TYR A 89 12.56 -20.33 1.40
N GLY A 90 11.66 -19.71 2.16
CA GLY A 90 11.93 -18.43 2.81
C GLY A 90 12.32 -17.32 1.85
N LEU A 91 13.15 -16.38 2.32
CA LEU A 91 13.56 -15.25 1.49
C LEU A 91 14.74 -15.59 0.58
N THR A 92 14.52 -16.57 -0.29
CA THR A 92 15.54 -17.01 -1.23
C THR A 92 15.79 -15.98 -2.33
N ASN A 93 17.01 -15.97 -2.84
CA ASN A 93 17.35 -15.18 -4.02
C ASN A 93 17.32 -16.02 -5.30
N ASP A 94 16.88 -17.26 -5.16
CA ASP A 94 16.73 -18.20 -6.29
C ASP A 94 15.78 -17.62 -7.34
N HIS A 95 16.27 -17.52 -8.57
CA HIS A 95 15.55 -16.88 -9.67
C HIS A 95 14.19 -17.53 -9.95
N TYR A 96 14.17 -18.86 -9.98
CA TYR A 96 12.94 -19.60 -10.26
C TYR A 96 11.85 -19.30 -9.23
N SER A 97 12.23 -19.34 -7.96
CA SER A 97 11.29 -19.08 -6.86
C SER A 97 10.79 -17.63 -6.90
N ILE A 98 11.71 -16.68 -7.13
CA ILE A 98 11.31 -15.28 -7.22
C ILE A 98 10.30 -15.05 -8.34
N THR A 99 10.55 -15.62 -9.52
CA THR A 99 9.63 -15.35 -10.64
C THR A 99 8.27 -16.00 -10.40
N LEU A 100 8.27 -17.22 -9.87
CA LEU A 100 7.01 -17.88 -9.58
C LEU A 100 6.18 -17.09 -8.55
N ARG A 101 6.84 -16.50 -7.56
CA ARG A 101 6.15 -15.66 -6.55
C ARG A 101 5.61 -14.38 -7.18
N ARG A 102 6.43 -13.76 -8.04
CA ARG A 102 6.00 -12.59 -8.82
C ARG A 102 4.77 -12.89 -9.66
N TYR A 103 4.82 -13.98 -10.43
CA TYR A 103 3.69 -14.37 -11.28
C TYR A 103 2.41 -14.66 -10.48
N ALA A 104 2.57 -15.39 -9.36
CA ALA A 104 1.44 -15.67 -8.46
C ALA A 104 0.84 -14.38 -7.90
N GLY A 105 1.70 -13.50 -7.40
CA GLY A 105 1.28 -12.19 -6.91
C GLY A 105 0.60 -11.32 -7.94
N MET A 106 1.09 -11.35 -9.18
CA MET A 106 0.44 -10.59 -10.26
C MET A 106 -0.96 -11.11 -10.52
N ALA A 107 -1.13 -12.44 -10.53
CA ALA A 107 -2.44 -13.02 -10.73
C ALA A 107 -3.39 -12.64 -9.60
N LEU A 108 -2.89 -12.68 -8.35
CA LEU A 108 -3.67 -12.28 -7.18
C LEU A 108 -4.11 -10.81 -7.27
N THR A 109 -3.22 -9.95 -7.78
CA THR A 109 -3.56 -8.53 -7.99
C THR A 109 -4.72 -8.41 -8.97
N ASN A 110 -4.61 -9.08 -10.12
CA ASN A 110 -5.66 -9.04 -11.12
C ASN A 110 -6.98 -9.64 -10.63
N LEU A 111 -6.89 -10.71 -9.85
CA LEU A 111 -8.09 -11.38 -9.32
C LEU A 111 -8.78 -10.63 -8.19
N THR A 112 -8.06 -9.70 -7.58
CA THR A 112 -8.67 -8.89 -6.52
C THR A 112 -9.17 -7.53 -7.02
N PHE A 113 -8.72 -7.12 -8.20
CA PHE A 113 -9.15 -5.85 -8.80
C PHE A 113 -10.67 -5.78 -8.89
N GLY A 114 -11.25 -4.83 -8.17
CA GLY A 114 -12.72 -4.64 -8.15
C GLY A 114 -13.54 -5.81 -7.63
N ASP A 115 -12.90 -6.80 -7.02
CA ASP A 115 -13.59 -8.04 -6.62
C ASP A 115 -13.72 -8.18 -5.10
N VAL A 116 -14.86 -7.72 -4.59
CA VAL A 116 -15.17 -7.78 -3.16
C VAL A 116 -14.95 -9.16 -2.54
N ALA A 117 -15.53 -10.19 -3.15
CA ALA A 117 -15.48 -11.55 -2.64
C ALA A 117 -14.05 -12.11 -2.58
N ASN A 118 -13.26 -11.85 -3.62
CA ASN A 118 -11.89 -12.36 -3.67
C ASN A 118 -10.97 -11.70 -2.64
N LYS A 119 -11.18 -10.41 -2.42
CA LYS A 119 -10.43 -9.69 -1.40
C LYS A 119 -10.67 -10.32 -0.04
N ALA A 120 -11.93 -10.64 0.25
CA ALA A 120 -12.31 -11.24 1.53
C ALA A 120 -11.71 -12.64 1.69
N THR A 121 -11.76 -13.43 0.62
CA THR A 121 -11.20 -14.78 0.64
C THR A 121 -9.69 -14.74 0.90
N LEU A 122 -8.99 -13.86 0.19
CA LEU A 122 -7.55 -13.78 0.34
C LEU A 122 -7.14 -13.32 1.74
N CYS A 123 -7.84 -12.32 2.27
CA CYS A 123 -7.59 -11.88 3.64
C CYS A 123 -7.86 -12.98 4.67
N SER A 124 -8.77 -13.90 4.36
CA SER A 124 -9.09 -15.02 5.25
C SER A 124 -7.99 -16.06 5.29
N MET A 125 -7.06 -15.98 4.34
CA MET A 125 -5.94 -16.92 4.29
C MET A 125 -4.76 -16.36 5.08
N LYS A 126 -4.81 -16.59 6.40
CA LYS A 126 -3.89 -15.95 7.35
C LYS A 126 -2.43 -16.29 7.10
N GLY A 127 -2.16 -17.56 6.82
CA GLY A 127 -0.81 -18.00 6.44
C GLY A 127 -0.29 -17.30 5.19
N CYS A 128 -1.16 -17.16 4.18
CA CYS A 128 -0.75 -16.46 2.96
C CYS A 128 -0.52 -14.97 3.20
N MET A 129 -1.35 -14.35 4.04
CA MET A 129 -1.16 -12.94 4.37
C MET A 129 0.19 -12.73 5.05
N ARG A 130 0.53 -13.60 6.01
CA ARG A 130 1.83 -13.51 6.68
C ARG A 130 2.98 -13.67 5.69
N ALA A 131 2.84 -14.60 4.76
CA ALA A 131 3.84 -14.81 3.71
C ALA A 131 3.98 -13.56 2.82
N LEU A 132 2.85 -12.94 2.44
CA LEU A 132 2.91 -11.72 1.63
C LEU A 132 3.73 -10.66 2.35
N VAL A 133 3.39 -10.41 3.62
CA VAL A 133 4.04 -9.35 4.39
C VAL A 133 5.55 -9.63 4.48
N ALA A 134 5.92 -10.89 4.68
CA ALA A 134 7.33 -11.28 4.81
C ALA A 134 8.13 -11.01 3.54
N GLN A 135 7.46 -11.11 2.38
CA GLN A 135 8.10 -10.88 1.08
C GLN A 135 8.56 -9.43 0.88
N LEU A 136 8.06 -8.51 1.70
CA LEU A 136 8.47 -7.11 1.56
C LEU A 136 9.95 -6.91 1.92
N LYS A 137 10.54 -7.93 2.53
CA LYS A 137 11.97 -7.91 2.86
C LYS A 137 12.82 -8.70 1.86
N SER A 138 12.19 -9.18 0.78
CA SER A 138 12.92 -9.82 -0.31
C SER A 138 13.93 -8.84 -0.90
N GLU A 139 15.09 -9.33 -1.32
CA GLU A 139 16.04 -8.47 -2.02
C GLU A 139 15.59 -8.11 -3.45
N SER A 140 14.58 -8.82 -3.96
CA SER A 140 14.00 -8.47 -5.26
C SER A 140 12.98 -7.33 -5.12
N GLU A 141 13.33 -6.15 -5.64
CA GLU A 141 12.38 -5.03 -5.61
C GLU A 141 11.19 -5.27 -6.55
N ASP A 142 11.42 -6.06 -7.60
CA ASP A 142 10.32 -6.48 -8.49
C ASP A 142 9.27 -7.28 -7.72
N LEU A 143 9.71 -8.18 -6.86
CA LEU A 143 8.78 -8.92 -6.00
C LEU A 143 8.10 -7.99 -5.01
N GLN A 144 8.86 -7.07 -4.40
CA GLN A 144 8.29 -6.09 -3.48
C GLN A 144 7.15 -5.31 -4.12
N GLN A 145 7.37 -4.89 -5.36
CA GLN A 145 6.38 -4.13 -6.12
C GLN A 145 5.08 -4.91 -6.25
N VAL A 146 5.21 -6.18 -6.63
CA VAL A 146 4.07 -7.07 -6.83
C VAL A 146 3.29 -7.28 -5.52
N ILE A 147 4.00 -7.58 -4.44
CA ILE A 147 3.37 -7.80 -3.13
C ILE A 147 2.64 -6.55 -2.63
N ALA A 148 3.26 -5.39 -2.81
CA ALA A 148 2.64 -4.13 -2.41
C ALA A 148 1.33 -3.89 -3.19
N SER A 149 1.28 -4.28 -4.47
CA SER A 149 0.04 -4.16 -5.26
C SER A 149 -1.09 -5.05 -4.75
N VAL A 150 -0.75 -6.28 -4.34
CA VAL A 150 -1.74 -7.14 -3.71
C VAL A 150 -2.30 -6.46 -2.45
N LEU A 151 -1.40 -5.96 -1.60
CA LEU A 151 -1.83 -5.34 -0.35
C LEU A 151 -2.61 -4.05 -0.60
N ARG A 152 -2.24 -3.34 -1.67
CA ARG A 152 -2.94 -2.13 -2.06
C ARG A 152 -4.40 -2.43 -2.38
N ASN A 153 -4.61 -3.46 -3.21
CA ASN A 153 -5.95 -3.91 -3.54
C ASN A 153 -6.75 -4.37 -2.31
N LEU A 154 -6.13 -5.18 -1.46
CA LEU A 154 -6.80 -5.70 -0.27
C LEU A 154 -7.16 -4.59 0.72
N SER A 155 -6.39 -3.50 0.68
CA SER A 155 -6.62 -2.37 1.57
C SER A 155 -7.71 -1.42 1.08
N TRP A 156 -8.03 -1.50 -0.21
CA TRP A 156 -9.09 -0.68 -0.77
C TRP A 156 -10.45 -1.29 -0.46
N ARG A 157 -11.30 -0.48 0.16
CA ARG A 157 -12.66 -0.90 0.58
C ARG A 157 -12.61 -2.19 1.39
N ALA A 158 -11.66 -2.26 2.32
CA ALA A 158 -11.53 -3.41 3.21
C ALA A 158 -12.73 -3.48 4.16
N ASP A 159 -13.35 -4.66 4.24
CA ASP A 159 -14.42 -4.89 5.22
C ASP A 159 -13.83 -5.03 6.63
N VAL A 160 -14.69 -5.22 7.64
CA VAL A 160 -14.21 -5.25 9.03
C VAL A 160 -13.14 -6.32 9.31
N ASN A 161 -13.37 -7.53 8.81
CA ASN A 161 -12.45 -8.65 8.99
C ASN A 161 -11.12 -8.39 8.31
N SER A 162 -11.18 -7.85 7.09
CA SER A 162 -9.99 -7.57 6.31
C SER A 162 -9.11 -6.49 6.94
N LYS A 163 -9.74 -5.41 7.42
CA LYS A 163 -9.03 -4.37 8.15
C LYS A 163 -8.26 -4.97 9.34
N LYS A 164 -8.96 -5.80 10.12
CA LYS A 164 -8.35 -6.44 11.28
C LYS A 164 -7.17 -7.32 10.85
N THR A 165 -7.39 -8.15 9.83
CA THR A 165 -6.35 -9.06 9.35
C THR A 165 -5.12 -8.28 8.88
N LEU A 166 -5.33 -7.24 8.07
CA LEU A 166 -4.21 -6.46 7.55
C LEU A 166 -3.36 -5.86 8.66
N ARG A 167 -4.03 -5.44 9.73
CA ARG A 167 -3.35 -4.86 10.87
C ARG A 167 -2.65 -5.95 11.69
N GLU A 168 -3.32 -7.10 11.84
CA GLU A 168 -2.77 -8.18 12.67
C GLU A 168 -1.50 -8.81 12.09
N VAL A 169 -1.37 -8.78 10.76
CA VAL A 169 -0.19 -9.32 10.10
C VAL A 169 0.95 -8.30 9.98
N GLY A 170 0.72 -7.11 10.55
CA GLY A 170 1.74 -6.06 10.63
C GLY A 170 2.08 -5.42 9.30
N SER A 171 1.08 -5.34 8.41
CA SER A 171 1.33 -4.82 7.06
C SER A 171 1.73 -3.34 7.05
N VAL A 172 1.21 -2.55 8.00
CA VAL A 172 1.48 -1.10 8.00
C VAL A 172 2.95 -0.81 8.29
N LYS A 173 3.45 -1.31 9.41
CA LYS A 173 4.87 -1.15 9.75
C LYS A 173 5.77 -1.75 8.66
N ALA A 174 5.39 -2.93 8.14
CA ALA A 174 6.20 -3.60 7.11
C ALA A 174 6.33 -2.76 5.83
N LEU A 175 5.24 -2.14 5.41
CA LEU A 175 5.25 -1.35 4.18
C LEU A 175 5.97 -0.03 4.38
N MET A 176 5.81 0.60 5.55
CA MET A 176 6.51 1.85 5.83
C MET A 176 8.03 1.60 5.93
N GLU A 177 8.41 0.52 6.61
CA GLU A 177 9.81 0.14 6.66
C GLU A 177 10.36 -0.22 5.28
N CYS A 178 9.54 -0.90 4.48
CA CYS A 178 9.88 -1.23 3.10
C CYS A 178 10.20 0.05 2.30
N ALA A 179 9.30 1.03 2.41
CA ALA A 179 9.41 2.31 1.69
C ALA A 179 10.72 3.07 1.91
N LEU A 180 11.24 3.05 3.13
CA LEU A 180 12.48 3.76 3.48
C LEU A 180 13.68 3.20 2.73
N GLU A 181 13.59 1.94 2.34
CA GLU A 181 14.70 1.23 1.72
C GLU A 181 14.63 1.07 0.19
N VAL A 182 13.45 1.28 -0.42
CA VAL A 182 13.29 0.99 -1.85
C VAL A 182 14.12 1.93 -2.74
N LYS A 183 14.74 1.36 -3.77
CA LYS A 183 15.60 2.14 -4.66
C LYS A 183 14.97 2.43 -6.04
N LYS A 184 14.01 1.60 -6.45
CA LYS A 184 13.31 1.76 -7.74
C LYS A 184 12.04 2.59 -7.57
N GLU A 185 11.82 3.55 -8.45
CA GLU A 185 10.60 4.37 -8.42
C GLU A 185 9.33 3.52 -8.59
N SER A 186 9.35 2.57 -9.52
CA SER A 186 8.21 1.66 -9.72
C SER A 186 7.81 0.95 -8.43
N THR A 187 8.78 0.44 -7.70
CA THR A 187 8.51 -0.19 -6.40
C THR A 187 7.95 0.82 -5.39
N LEU A 188 8.61 1.97 -5.27
CA LEU A 188 8.12 3.04 -4.38
C LEU A 188 6.66 3.39 -4.66
N LYS A 189 6.32 3.55 -5.94
CA LYS A 189 4.93 3.88 -6.30
C LYS A 189 3.94 2.85 -5.73
N SER A 190 4.24 1.57 -5.91
CA SER A 190 3.31 0.54 -5.46
C SER A 190 3.20 0.49 -3.93
N VAL A 191 4.34 0.61 -3.25
CA VAL A 191 4.38 0.62 -1.78
C VAL A 191 3.63 1.81 -1.18
N LEU A 192 3.89 3.01 -1.69
CA LEU A 192 3.21 4.20 -1.17
C LEU A 192 1.70 4.16 -1.41
N SER A 193 1.30 3.66 -2.58
CA SER A 193 -0.12 3.47 -2.90
C SER A 193 -0.82 2.56 -1.92
N ALA A 194 -0.13 1.47 -1.55
CA ALA A 194 -0.66 0.53 -0.56
C ALA A 194 -0.81 1.21 0.81
N LEU A 195 0.20 1.99 1.19
CA LEU A 195 0.16 2.74 2.44
C LEU A 195 -0.93 3.79 2.45
N TRP A 196 -1.14 4.41 1.29
CA TRP A 196 -2.19 5.41 1.14
C TRP A 196 -3.55 4.81 1.51
N ASN A 197 -3.88 3.65 0.94
CA ASN A 197 -5.14 2.97 1.28
C ASN A 197 -5.22 2.52 2.74
N LEU A 198 -4.13 1.93 3.23
CA LEU A 198 -4.09 1.41 4.61
C LEU A 198 -4.19 2.51 5.66
N SER A 199 -3.58 3.65 5.39
CA SER A 199 -3.58 4.80 6.30
C SER A 199 -4.98 5.35 6.61
N ALA A 200 -5.93 5.04 5.74
CA ALA A 200 -7.30 5.50 5.92
C ALA A 200 -8.12 4.63 6.88
N HIS A 201 -7.66 3.42 7.19
CA HIS A 201 -8.49 2.44 7.90
C HIS A 201 -8.88 2.84 9.33
N CYS A 202 -7.91 3.35 10.09
CA CYS A 202 -8.12 3.59 11.53
C CYS A 202 -6.96 4.40 12.12
N THR A 203 -7.16 4.90 13.34
CA THR A 203 -6.14 5.70 14.03
C THR A 203 -4.86 4.90 14.28
N GLU A 204 -5.02 3.62 14.63
CA GLU A 204 -3.88 2.76 14.94
C GLU A 204 -2.93 2.58 13.76
N ASN A 205 -3.46 2.43 12.56
CA ASN A 205 -2.63 2.41 11.35
C ASN A 205 -1.89 3.74 11.16
N LYS A 206 -2.58 4.85 11.46
CA LYS A 206 -1.99 6.18 11.31
C LYS A 206 -0.83 6.32 12.30
N ALA A 207 -1.04 5.86 13.54
CA ALA A 207 -0.02 5.90 14.58
C ALA A 207 1.20 5.03 14.24
N ASP A 208 0.96 3.88 13.63
CA ASP A 208 2.04 2.94 13.29
C ASP A 208 2.97 3.54 12.24
N ILE A 209 2.39 4.24 11.27
CA ILE A 209 3.15 4.96 10.24
C ILE A 209 4.00 6.04 10.86
N CYS A 210 3.40 6.85 11.73
CA CYS A 210 4.11 7.94 12.40
C CYS A 210 5.20 7.45 13.37
N ALA A 211 5.05 6.24 13.90
CA ALA A 211 6.00 5.69 14.85
C ALA A 211 7.29 5.12 14.23
N VAL A 212 7.28 4.87 12.93
CA VAL A 212 8.49 4.37 12.24
C VAL A 212 9.52 5.50 12.19
N ASP A 213 10.70 5.25 12.75
CA ASP A 213 11.79 6.24 12.79
C ASP A 213 12.08 6.72 11.37
N GLY A 214 12.02 8.03 11.17
CA GLY A 214 12.31 8.63 9.86
C GLY A 214 11.18 8.70 8.85
N ALA A 215 10.03 8.08 9.18
CA ALA A 215 8.92 7.99 8.22
C ALA A 215 8.31 9.33 7.87
N LEU A 216 8.12 10.21 8.85
CA LEU A 216 7.50 11.50 8.57
C LEU A 216 8.40 12.41 7.74
N ALA A 217 9.69 12.42 8.04
CA ALA A 217 10.68 13.19 7.25
C ALA A 217 10.69 12.66 5.82
N PHE A 218 10.65 11.34 5.69
CA PHE A 218 10.57 10.69 4.38
C PHE A 218 9.32 11.11 3.61
N LEU A 219 8.16 11.08 4.26
CA LEU A 219 6.90 11.45 3.60
C LEU A 219 6.88 12.91 3.15
N VAL A 220 7.39 13.81 3.99
CA VAL A 220 7.52 15.20 3.57
C VAL A 220 8.41 15.26 2.34
N GLY A 221 9.46 14.45 2.32
CA GLY A 221 10.37 14.35 1.17
C GLY A 221 9.63 13.98 -0.11
N THR A 222 8.68 13.04 0.00
CA THR A 222 7.91 12.62 -1.18
C THR A 222 7.10 13.75 -1.82
N LEU A 223 6.76 14.79 -1.04
CA LEU A 223 5.96 15.92 -1.53
C LEU A 223 6.61 16.74 -2.63
N THR A 224 7.94 16.66 -2.73
CA THR A 224 8.68 17.39 -3.77
C THR A 224 9.55 16.47 -4.62
N TYR A 225 9.28 15.17 -4.55
CA TYR A 225 10.01 14.17 -5.31
C TYR A 225 9.83 14.45 -6.79
N ARG A 226 10.91 14.63 -7.54
CA ARG A 226 10.77 14.80 -8.98
C ARG A 226 11.02 13.48 -9.71
N SER A 227 9.93 12.96 -10.25
CA SER A 227 9.91 11.67 -10.94
C SER A 227 10.91 11.58 -12.09
N GLN A 228 11.50 10.40 -12.25
CA GLN A 228 12.35 10.09 -13.40
C GLN A 228 11.52 10.08 -14.67
N THR A 229 10.22 9.83 -14.52
CA THR A 229 9.29 9.79 -15.65
C THR A 229 8.34 10.99 -15.66
N ASN A 230 8.68 12.03 -14.89
CA ASN A 230 7.90 13.27 -14.82
C ASN A 230 6.44 13.14 -14.36
N THR A 231 6.04 11.94 -13.95
CA THR A 231 4.67 11.75 -13.42
C THR A 231 4.56 12.29 -11.99
N LEU A 232 3.34 12.36 -11.48
CA LEU A 232 3.11 12.91 -10.14
C LEU A 232 2.78 11.83 -9.12
N ALA A 233 2.95 10.57 -9.50
CA ALA A 233 2.44 9.47 -8.69
C ALA A 233 3.00 9.45 -7.26
N ILE A 234 4.27 9.80 -7.11
CA ILE A 234 4.93 9.76 -5.79
C ILE A 234 4.44 10.91 -4.90
N ILE A 235 4.33 12.09 -5.49
CA ILE A 235 3.79 13.24 -4.77
C ILE A 235 2.33 12.99 -4.36
N GLU A 236 1.55 12.39 -5.24
CA GLU A 236 0.13 12.10 -4.96
C GLU A 236 -0.01 11.12 -3.79
N SER A 237 0.72 10.00 -3.86
CA SER A 237 0.61 8.97 -2.85
C SER A 237 1.28 9.35 -1.53
N GLY A 238 2.49 9.91 -1.59
CA GLY A 238 3.14 10.43 -0.39
C GLY A 238 2.29 11.50 0.29
N GLY A 239 1.76 12.42 -0.50
CA GLY A 239 0.86 13.46 0.04
C GLY A 239 -0.44 12.90 0.57
N GLY A 240 -0.89 11.80 -0.02
CA GLY A 240 -2.11 11.11 0.41
C GLY A 240 -1.93 10.49 1.78
N ILE A 241 -0.81 9.80 1.99
CA ILE A 241 -0.50 9.23 3.28
C ILE A 241 -0.42 10.35 4.34
N LEU A 242 0.25 11.44 3.98
CA LEU A 242 0.44 12.55 4.93
C LEU A 242 -0.92 13.14 5.29
N ARG A 243 -1.78 13.32 4.30
CA ARG A 243 -3.12 13.84 4.57
C ARG A 243 -3.87 12.95 5.55
N ASN A 244 -3.78 11.64 5.32
CA ASN A 244 -4.53 10.69 6.15
C ASN A 244 -4.02 10.66 7.59
N VAL A 245 -2.71 10.76 7.77
CA VAL A 245 -2.14 10.70 9.13
C VAL A 245 -2.07 12.06 9.83
N SER A 246 -2.37 13.14 9.11
CA SER A 246 -2.21 14.51 9.63
C SER A 246 -3.07 14.83 10.87
N SER A 247 -4.20 14.13 11.03
CA SER A 247 -5.03 14.32 12.21
C SER A 247 -4.28 13.92 13.49
N LEU A 248 -3.43 12.89 13.39
CA LEU A 248 -2.60 12.48 14.53
C LEU A 248 -1.40 13.40 14.73
N ILE A 249 -0.72 13.74 13.62
CA ILE A 249 0.38 14.69 13.67
C ILE A 249 -0.03 15.97 14.37
N ALA A 250 -1.24 16.45 14.06
CA ALA A 250 -1.74 17.71 14.58
C ALA A 250 -1.67 17.80 16.10
N THR A 251 -1.81 16.66 16.78
CA THR A 251 -1.85 16.64 18.25
C THR A 251 -0.52 16.26 18.90
N ASN A 252 0.54 16.22 18.09
CA ASN A 252 1.85 15.74 18.53
C ASN A 252 2.90 16.77 18.18
N GLU A 253 3.42 17.46 19.20
CA GLU A 253 4.36 18.56 18.99
C GLU A 253 5.68 18.07 18.37
N ASP A 254 6.16 16.90 18.82
CA ASP A 254 7.35 16.27 18.25
C ASP A 254 7.21 16.05 16.75
N HIS A 255 6.06 15.52 16.35
CA HIS A 255 5.79 15.27 14.93
C HIS A 255 5.62 16.55 14.14
N ARG A 256 4.93 17.54 14.69
CA ARG A 256 4.84 18.85 14.04
C ARG A 256 6.23 19.45 13.78
N GLN A 257 7.13 19.27 14.75
CA GLN A 257 8.49 19.78 14.65
C GLN A 257 9.26 19.11 13.51
N ILE A 258 9.09 17.80 13.33
CA ILE A 258 9.67 17.09 12.19
C ILE A 258 9.18 17.71 10.86
N LEU A 259 7.88 18.00 10.78
CA LEU A 259 7.31 18.63 9.59
C LEU A 259 7.90 20.01 9.35
N ARG A 260 8.06 20.80 10.42
CA ARG A 260 8.63 22.15 10.35
C ARG A 260 10.05 22.14 9.82
N GLU A 261 10.88 21.25 10.36
CA GLU A 261 12.29 21.21 9.96
C GLU A 261 12.47 20.69 8.52
N ASN A 262 11.39 20.12 7.97
CA ASN A 262 11.35 19.66 6.60
C ASN A 262 10.52 20.57 5.69
N ASN A 263 10.27 21.79 6.19
CA ASN A 263 9.58 22.85 5.44
C ASN A 263 8.21 22.44 4.88
N CYS A 264 7.45 21.70 5.70
CA CYS A 264 6.24 21.06 5.19
C CYS A 264 5.15 22.07 4.88
N LEU A 265 4.92 23.03 5.77
CA LEU A 265 3.84 23.99 5.55
C LEU A 265 4.06 24.78 4.26
N GLN A 266 5.30 25.20 4.04
CA GLN A 266 5.69 25.95 2.84
C GLN A 266 5.37 25.13 1.60
N THR A 267 5.70 23.84 1.67
CA THR A 267 5.48 22.94 0.55
C THR A 267 3.99 22.75 0.28
N LEU A 268 3.22 22.58 1.34
CA LEU A 268 1.77 22.42 1.22
C LEU A 268 1.11 23.64 0.60
N LEU A 269 1.59 24.84 0.94
CA LEU A 269 1.06 26.05 0.31
C LEU A 269 1.34 26.07 -1.19
N GLN A 270 2.52 25.61 -1.60
CA GLN A 270 2.79 25.44 -3.04
C GLN A 270 1.81 24.45 -3.68
N HIS A 271 1.50 23.37 -2.96
CA HIS A 271 0.57 22.35 -3.46
C HIS A 271 -0.84 22.91 -3.68
N LEU A 272 -1.20 23.93 -2.91
CA LEU A 272 -2.53 24.56 -3.08
C LEU A 272 -2.70 25.20 -4.45
N LYS A 273 -1.58 25.54 -5.09
CA LYS A 273 -1.56 26.16 -6.40
C LYS A 273 -1.24 25.20 -7.54
N SER A 274 -1.10 23.92 -7.22
CA SER A 274 -0.90 22.86 -8.21
C SER A 274 -2.10 22.74 -9.16
N HIS A 275 -1.83 22.22 -10.36
CA HIS A 275 -2.89 21.95 -11.34
C HIS A 275 -3.50 20.56 -11.16
N SER A 276 -2.92 19.76 -10.28
CA SER A 276 -3.39 18.40 -10.00
C SER A 276 -4.48 18.41 -8.96
N LEU A 277 -5.68 17.97 -9.36
CA LEU A 277 -6.79 17.85 -8.41
C LEU A 277 -6.39 17.03 -7.18
N THR A 278 -5.75 15.89 -7.41
CA THR A 278 -5.36 15.01 -6.31
C THR A 278 -4.44 15.72 -5.30
N ILE A 279 -3.42 16.39 -5.82
CA ILE A 279 -2.45 17.10 -4.98
C ILE A 279 -3.09 18.23 -4.18
N VAL A 280 -3.92 19.05 -4.84
CA VAL A 280 -4.64 20.12 -4.13
C VAL A 280 -5.55 19.54 -3.04
N SER A 281 -6.29 18.48 -3.37
CA SER A 281 -7.20 17.83 -2.41
C SER A 281 -6.45 17.32 -1.18
N ASN A 282 -5.33 16.65 -1.41
CA ASN A 282 -4.48 16.18 -0.32
C ASN A 282 -3.97 17.32 0.55
N ALA A 283 -3.45 18.36 -0.08
CA ALA A 283 -2.90 19.51 0.65
C ALA A 283 -3.98 20.21 1.50
N CYS A 284 -5.19 20.35 0.95
CA CYS A 284 -6.31 20.96 1.70
C CYS A 284 -6.67 20.16 2.95
N GLY A 285 -6.66 18.84 2.84
CA GLY A 285 -6.93 17.97 3.99
C GLY A 285 -5.81 18.05 5.03
N THR A 286 -4.57 18.09 4.57
CA THR A 286 -3.44 18.18 5.50
C THR A 286 -3.48 19.51 6.25
N LEU A 287 -3.71 20.61 5.53
CA LEU A 287 -3.73 21.94 6.16
C LEU A 287 -4.95 22.12 7.07
N TRP A 288 -6.07 21.48 6.72
CA TRP A 288 -7.26 21.46 7.58
C TRP A 288 -6.82 21.01 8.99
N ASN A 289 -6.13 19.88 9.06
CA ASN A 289 -5.64 19.37 10.33
C ASN A 289 -4.51 20.18 10.97
N LEU A 290 -3.51 20.57 10.19
CA LEU A 290 -2.36 21.27 10.75
C LEU A 290 -2.67 22.70 11.21
N SER A 291 -3.72 23.30 10.64
CA SER A 291 -4.15 24.66 10.99
C SER A 291 -4.90 24.72 12.32
N ALA A 292 -5.25 23.56 12.87
CA ALA A 292 -6.02 23.47 14.11
C ALA A 292 -5.14 23.50 15.35
N ARG A 293 -5.57 24.26 16.35
CA ARG A 293 -5.07 24.14 17.74
C ARG A 293 -3.56 24.30 17.94
N ASN A 294 -2.90 25.07 17.09
CA ASN A 294 -1.45 25.28 17.20
C ASN A 294 -1.08 26.71 16.81
N PRO A 295 -0.89 27.60 17.80
CA PRO A 295 -0.59 29.01 17.53
C PRO A 295 0.65 29.22 16.66
N LYS A 296 1.71 28.43 16.90
CA LYS A 296 2.94 28.51 16.12
C LYS A 296 2.69 28.29 14.62
N ASP A 297 1.99 27.22 14.29
CA ASP A 297 1.73 26.90 12.89
C ASP A 297 0.65 27.81 12.30
N GLN A 298 -0.31 28.23 13.11
CA GLN A 298 -1.29 29.23 12.65
C GLN A 298 -0.61 30.53 12.24
N GLU A 299 0.33 31.02 13.06
CA GLU A 299 1.01 32.27 12.78
C GLU A 299 1.89 32.14 11.54
N ALA A 300 2.56 30.98 11.43
CA ALA A 300 3.40 30.67 10.29
C ALA A 300 2.58 30.70 9.01
N LEU A 301 1.41 30.04 9.04
CA LEU A 301 0.51 30.04 7.89
C LEU A 301 0.04 31.45 7.53
N TRP A 302 -0.36 32.25 8.53
CA TRP A 302 -0.71 33.66 8.29
C TRP A 302 0.43 34.42 7.58
N ASP A 303 1.64 34.32 8.13
CA ASP A 303 2.80 35.06 7.61
C ASP A 303 3.19 34.64 6.19
N MET A 304 2.92 33.39 5.85
CA MET A 304 3.24 32.84 4.54
C MET A 304 2.18 33.12 3.47
N GLY A 305 1.09 33.78 3.88
CA GLY A 305 0.04 34.16 2.93
C GLY A 305 -1.01 33.09 2.68
N ALA A 306 -1.08 32.12 3.60
CA ALA A 306 -2.07 31.03 3.50
C ALA A 306 -3.51 31.51 3.35
N VAL A 307 -3.86 32.61 4.02
CA VAL A 307 -5.24 33.08 4.03
C VAL A 307 -5.70 33.45 2.60
N SER A 308 -4.87 34.20 1.87
CA SER A 308 -5.17 34.55 0.48
C SER A 308 -5.38 33.29 -0.39
N MET A 309 -4.50 32.32 -0.23
CA MET A 309 -4.52 31.09 -1.02
C MET A 309 -5.79 30.26 -0.75
N LEU A 310 -6.14 30.12 0.53
CA LEU A 310 -7.33 29.35 0.91
C LEU A 310 -8.61 30.03 0.44
N LYS A 311 -8.67 31.36 0.56
CA LYS A 311 -9.80 32.14 0.04
C LYS A 311 -10.08 31.87 -1.44
N ASN A 312 -9.01 31.59 -2.19
CA ASN A 312 -9.14 31.26 -3.62
C ASN A 312 -9.65 29.85 -3.88
N LEU A 313 -9.76 29.05 -2.83
CA LEU A 313 -10.20 27.65 -2.98
C LEU A 313 -11.58 27.35 -2.41
N ILE A 314 -12.11 28.23 -1.56
CA ILE A 314 -13.38 27.95 -0.89
C ILE A 314 -14.58 27.85 -1.85
N HIS A 315 -14.43 28.41 -3.05
CA HIS A 315 -15.49 28.38 -4.06
C HIS A 315 -15.33 27.25 -5.08
N SER A 316 -14.40 26.34 -4.80
CA SER A 316 -14.16 25.15 -5.63
C SER A 316 -15.43 24.30 -5.74
N LYS A 317 -15.68 23.76 -6.93
CA LYS A 317 -16.77 22.82 -7.14
C LYS A 317 -16.48 21.44 -6.52
N HIS A 318 -15.23 21.20 -6.13
CA HIS A 318 -14.81 19.95 -5.50
C HIS A 318 -15.01 19.94 -3.99
N LYS A 319 -15.83 19.01 -3.53
CA LYS A 319 -16.18 18.89 -2.11
C LYS A 319 -15.01 18.88 -1.14
N MET A 320 -14.01 18.01 -1.37
CA MET A 320 -12.87 17.90 -0.46
C MET A 320 -12.05 19.19 -0.38
N ILE A 321 -11.87 19.85 -1.53
CA ILE A 321 -11.17 21.14 -1.60
C ILE A 321 -11.98 22.25 -0.93
N ALA A 322 -13.28 22.31 -1.25
CA ALA A 322 -14.17 23.30 -0.66
C ALA A 322 -14.25 23.13 0.86
N MET A 323 -14.44 21.89 1.30
CA MET A 323 -14.50 21.57 2.74
C MET A 323 -13.20 21.85 3.46
N GLY A 324 -12.10 21.36 2.91
CA GLY A 324 -10.80 21.47 3.55
C GLY A 324 -10.25 22.88 3.58
N SER A 325 -10.34 23.57 2.45
CA SER A 325 -9.90 24.96 2.37
C SER A 325 -10.69 25.87 3.34
N ALA A 326 -12.00 25.67 3.42
CA ALA A 326 -12.86 26.49 4.28
C ALA A 326 -12.62 26.21 5.75
N ALA A 327 -12.43 24.94 6.10
CA ALA A 327 -12.11 24.56 7.47
C ALA A 327 -10.75 25.11 7.93
N ALA A 328 -9.75 25.00 7.06
CA ALA A 328 -8.43 25.59 7.35
C ALA A 328 -8.54 27.11 7.47
N LEU A 329 -9.27 27.74 6.55
CA LEU A 329 -9.50 29.17 6.61
C LEU A 329 -10.14 29.61 7.94
N ARG A 330 -11.21 28.92 8.36
CA ARG A 330 -11.89 29.36 9.59
C ARG A 330 -11.03 29.13 10.83
N ASN A 331 -10.20 28.10 10.80
CA ASN A 331 -9.19 27.89 11.84
C ASN A 331 -8.25 29.10 11.95
N LEU A 332 -7.76 29.57 10.81
CA LEU A 332 -6.88 30.74 10.81
C LEU A 332 -7.62 32.03 11.21
N MET A 333 -8.86 32.20 10.76
CA MET A 333 -9.62 33.42 11.04
C MET A 333 -9.99 33.55 12.51
N ALA A 334 -10.12 32.41 13.19
CA ALA A 334 -10.40 32.38 14.63
C ALA A 334 -9.15 32.73 15.45
N ASN A 335 -7.98 32.63 14.82
CA ASN A 335 -6.71 32.87 15.49
C ASN A 335 -5.83 33.86 14.72
N ARG A 336 -6.32 35.08 14.54
CA ARG A 336 -5.54 36.13 13.84
C ARG A 336 -4.43 36.65 14.74
N PRO A 337 -3.18 36.65 14.25
CA PRO A 337 -2.09 37.26 15.01
C PRO A 337 -2.31 38.76 15.11
N ALA A 338 -1.72 39.38 16.15
CA ALA A 338 -1.94 40.81 16.44
C ALA A 338 -1.86 41.72 15.20
N LYS A 339 -0.79 41.62 14.43
CA LYS A 339 -0.58 42.51 13.27
C LYS A 339 -1.64 42.37 12.16
N TYR A 340 -2.42 41.29 12.18
CA TYR A 340 -3.47 41.09 11.18
C TYR A 340 -4.88 41.52 11.63
N LYS A 341 -4.98 42.07 12.84
CA LYS A 341 -6.28 42.42 13.47
C LYS A 341 -7.20 43.29 12.61
N LEU B 1 -10.91 11.52 4.38
CA LEU B 1 -9.68 10.76 4.02
C LEU B 1 -9.62 10.43 2.52
N THR B 2 -8.40 10.25 2.02
CA THR B 2 -8.18 9.95 0.61
C THR B 2 -7.69 8.50 0.41
N GLY B 3 -7.74 8.03 -0.83
CA GLY B 3 -7.28 6.71 -1.20
C GLY B 3 -7.04 6.67 -2.70
N CYS B 4 -6.56 5.55 -3.22
CA CYS B 4 -6.24 5.44 -4.64
C CYS B 4 -6.82 4.21 -5.34
N GLY B 5 -7.78 3.54 -4.71
CA GLY B 5 -8.49 2.47 -5.39
C GLY B 5 -7.65 1.22 -5.62
N ASP B 6 -8.06 0.42 -6.60
CA ASP B 6 -7.41 -0.84 -6.98
C ASP B 6 -6.49 -0.65 -8.18
N ILE B 7 -5.61 -1.62 -8.39
CA ILE B 7 -4.73 -1.61 -9.55
C ILE B 7 -4.63 -2.98 -10.19
N ILE B 8 -4.41 -2.98 -11.51
CA ILE B 8 -4.11 -4.20 -12.26
C ILE B 8 -2.61 -4.43 -12.16
N ALA B 9 -2.17 -5.67 -12.32
CA ALA B 9 -0.76 -6.04 -12.22
C ALA B 9 0.10 -5.33 -13.25
N GLU B 10 1.38 -5.16 -12.90
CA GLU B 10 2.44 -4.68 -13.80
C GLU B 10 2.32 -3.19 -14.11
#